data_3IL2
#
_entry.id   3IL2
#
_cell.length_a   62.950
_cell.length_b   62.950
_cell.length_c   298.110
_cell.angle_alpha   90.00
_cell.angle_beta   90.00
_cell.angle_gamma   120.00
#
_symmetry.space_group_name_H-M   'P 31 2 1'
#
loop_
_entity.id
_entity.type
_entity.pdbx_description
1 polymer 'Redox-sensing transcriptional repressor rex'
2 polymer 'Rex operator DNA'
3 water water
#
loop_
_entity_poly.entity_id
_entity_poly.type
_entity_poly.pdbx_seq_one_letter_code
_entity_poly.pdbx_strand_id
1 'polypeptide(L)'
;G(MSE)KVPEAAISRLITYLRILEELEAQGVHRTSSEQLGELAQVTAFQVRKDLSYFGSYGTRGVGYTVPVLKRELRHIL
GLNRKWGLCIVG(MSE)GDLGSALADYPGFGESFELRGFFDVDPEKVGRPVRGGVIEHVDLLPQRVPGRIEIALLTVPRE
AAQKAADLLVAAGIKGILNFAPVVLEVPKEVAVENVDFLAGLTRLSFAILNPKWR
;
A,B
2 'polydeoxyribonucleotide'
;(DC)(DG)(DC)(BRU)(DG)(BRU)(DG)(DA)(DA)(DC)(DG)(DC)(DG)(BRU)(BRU)(DC)(DA)(DC)(DA)
(DG)(DC)(DG)
;
C,D
#
loop_
_chem_comp.id
_chem_comp.type
_chem_comp.name
_chem_comp.formula
BRU DNA linking 5-BROMO-2'-DEOXYURIDINE-5'-MONOPHOSPHATE 'C9 H12 Br N2 O8 P'
DA DNA linking 2'-DEOXYADENOSINE-5'-MONOPHOSPHATE 'C10 H14 N5 O6 P'
DC DNA linking 2'-DEOXYCYTIDINE-5'-MONOPHOSPHATE 'C9 H14 N3 O7 P'
DG DNA linking 2'-DEOXYGUANOSINE-5'-MONOPHOSPHATE 'C10 H14 N5 O7 P'
DT DNA linking THYMIDINE-5'-MONOPHOSPHATE 'C10 H15 N2 O8 P'
#
# COMPACT_ATOMS: atom_id res chain seq x y z
N GLY A 1 -21.00 19.00 2.70
CA GLY A 1 -19.92 19.38 3.67
C GLY A 1 -18.64 19.76 2.95
N MSE A 2 -18.45 21.06 2.75
CA MSE A 2 -17.28 21.61 2.05
C MSE A 2 -15.91 20.95 2.34
O MSE A 2 -14.98 21.09 1.54
CB MSE A 2 -17.20 23.12 2.30
CG MSE A 2 -16.45 23.93 1.23
SE MSE A 2 -17.31 23.93 -0.54
CE MSE A 2 -16.36 22.44 -1.33
N LYS A 3 -15.80 20.27 3.47
CA LYS A 3 -14.55 19.59 3.84
C LYS A 3 -14.66 18.12 3.43
N VAL A 4 -13.93 17.77 2.38
CA VAL A 4 -13.94 16.43 1.82
C VAL A 4 -13.31 15.38 2.67
N PRO A 5 -14.04 14.30 2.96
CA PRO A 5 -13.38 13.29 3.78
C PRO A 5 -12.31 12.62 2.89
N GLU A 6 -11.16 12.30 3.45
CA GLU A 6 -10.13 11.72 2.60
C GLU A 6 -10.45 10.36 2.04
N ALA A 7 -11.37 9.66 2.69
CA ALA A 7 -11.78 8.35 2.23
C ALA A 7 -12.52 8.54 0.90
N ALA A 8 -13.10 9.73 0.69
CA ALA A 8 -13.82 9.98 -0.55
C ALA A 8 -12.84 10.09 -1.72
N ILE A 9 -11.62 10.48 -1.43
CA ILE A 9 -10.65 10.61 -2.49
C ILE A 9 -10.12 9.27 -2.94
N SER A 10 -10.21 8.28 -2.08
CA SER A 10 -9.77 6.95 -2.46
C SER A 10 -10.83 6.42 -3.39
N ARG A 11 -12.09 6.79 -3.13
CA ARG A 11 -13.17 6.31 -3.97
C ARG A 11 -13.19 6.98 -5.34
N LEU A 12 -12.79 8.24 -5.42
CA LEU A 12 -12.77 8.94 -6.70
C LEU A 12 -11.75 8.27 -7.59
N ILE A 13 -10.62 7.91 -7.00
CA ILE A 13 -9.55 7.26 -7.72
C ILE A 13 -10.10 5.98 -8.30
N THR A 14 -10.92 5.30 -7.51
CA THR A 14 -11.53 4.06 -7.96
C THR A 14 -12.57 4.33 -9.03
N TYR A 15 -13.27 5.45 -8.92
CA TYR A 15 -14.29 5.79 -9.91
C TYR A 15 -13.64 6.05 -11.25
N LEU A 16 -12.56 6.83 -11.22
CA LEU A 16 -11.83 7.17 -12.43
C LEU A 16 -11.39 5.92 -13.15
N ARG A 17 -10.85 4.96 -12.40
CA ARG A 17 -10.39 3.71 -12.99
C ARG A 17 -11.53 2.97 -13.65
N ILE A 18 -12.68 2.96 -12.99
CA ILE A 18 -13.84 2.30 -13.54
C ILE A 18 -14.30 2.95 -14.82
N LEU A 19 -14.13 4.26 -14.92
CA LEU A 19 -14.52 4.99 -16.11
C LEU A 19 -13.59 4.64 -17.22
N GLU A 20 -12.30 4.69 -16.96
CA GLU A 20 -11.39 4.34 -18.02
C GLU A 20 -11.78 2.99 -18.62
N GLU A 21 -12.06 2.01 -17.77
CA GLU A 21 -12.46 0.72 -18.31
C GLU A 21 -13.72 0.89 -19.18
N LEU A 22 -14.72 1.61 -18.68
CA LEU A 22 -15.89 1.80 -19.50
C LEU A 22 -15.49 2.37 -20.82
N GLU A 23 -14.98 3.59 -20.82
CA GLU A 23 -14.60 4.21 -22.07
C GLU A 23 -13.95 3.17 -22.97
N ALA A 24 -12.99 2.44 -22.42
CA ALA A 24 -12.27 1.43 -23.18
C ALA A 24 -13.22 0.35 -23.73
N GLN A 25 -14.36 0.18 -23.08
CA GLN A 25 -15.35 -0.80 -23.51
C GLN A 25 -16.31 -0.15 -24.50
N GLY A 26 -16.23 1.18 -24.61
CA GLY A 26 -17.09 1.88 -25.54
C GLY A 26 -18.37 2.46 -24.98
N VAL A 27 -18.54 2.36 -23.67
CA VAL A 27 -19.73 2.89 -23.08
C VAL A 27 -19.69 4.39 -23.03
N HIS A 28 -20.84 5.02 -23.17
CA HIS A 28 -20.83 6.47 -23.17
C HIS A 28 -21.62 7.10 -22.04
N ARG A 29 -22.56 6.36 -21.47
CA ARG A 29 -23.36 6.86 -20.38
C ARG A 29 -23.39 5.89 -19.21
N THR A 30 -23.22 6.42 -18.02
CA THR A 30 -23.25 5.60 -16.83
C THR A 30 -24.19 6.25 -15.83
N SER A 31 -24.40 5.58 -14.70
CA SER A 31 -25.28 6.12 -13.68
C SER A 31 -24.75 5.90 -12.29
N SER A 32 -25.34 6.62 -11.34
CA SER A 32 -24.95 6.53 -9.95
C SER A 32 -24.94 5.05 -9.55
N GLU A 33 -26.01 4.33 -9.85
CA GLU A 33 -26.12 2.92 -9.49
C GLU A 33 -25.09 2.05 -10.21
N GLN A 34 -24.73 2.43 -11.43
CA GLN A 34 -23.76 1.68 -12.22
C GLN A 34 -22.36 1.80 -11.59
N LEU A 35 -21.96 3.01 -11.30
CA LEU A 35 -20.67 3.25 -10.65
C LEU A 35 -20.57 2.48 -9.36
N GLY A 36 -21.55 2.68 -8.49
CA GLY A 36 -21.50 2.01 -7.21
C GLY A 36 -21.31 0.52 -7.36
N GLU A 37 -22.07 -0.07 -8.28
CA GLU A 37 -22.01 -1.50 -8.52
C GLU A 37 -20.57 -1.89 -8.77
N LEU A 38 -19.93 -1.16 -9.66
CA LEU A 38 -18.57 -1.50 -10.01
C LEU A 38 -17.56 -1.17 -8.96
N ALA A 39 -17.89 -0.21 -8.11
CA ALA A 39 -16.98 0.22 -7.05
C ALA A 39 -17.34 -0.39 -5.70
N GLN A 40 -18.42 -1.15 -5.67
CA GLN A 40 -18.89 -1.78 -4.44
C GLN A 40 -19.20 -0.77 -3.34
N VAL A 41 -20.01 0.22 -3.71
CA VAL A 41 -20.47 1.25 -2.80
C VAL A 41 -21.87 1.62 -3.21
N THR A 42 -22.56 2.38 -2.38
CA THR A 42 -23.92 2.70 -2.77
C THR A 42 -23.97 3.88 -3.68
N ALA A 43 -24.98 3.89 -4.54
CA ALA A 43 -25.12 5.00 -5.46
C ALA A 43 -25.19 6.31 -4.67
N PHE A 44 -25.53 6.22 -3.41
CA PHE A 44 -25.57 7.41 -2.61
C PHE A 44 -24.19 7.98 -2.45
N GLN A 45 -23.30 7.12 -1.99
CA GLN A 45 -21.95 7.56 -1.75
C GLN A 45 -21.32 8.10 -3.01
N VAL A 46 -21.62 7.50 -4.15
CA VAL A 46 -21.04 7.99 -5.38
C VAL A 46 -21.48 9.44 -5.60
N ARG A 47 -22.78 9.68 -5.47
CA ARG A 47 -23.31 11.03 -5.66
C ARG A 47 -22.70 11.97 -4.64
N LYS A 48 -22.57 11.48 -3.42
CA LYS A 48 -22.01 12.30 -2.36
C LYS A 48 -20.52 12.59 -2.60
N ASP A 49 -19.79 11.59 -3.11
CA ASP A 49 -18.38 11.78 -3.37
C ASP A 49 -18.21 12.80 -4.48
N LEU A 50 -19.19 12.86 -5.36
CA LEU A 50 -19.13 13.79 -6.49
C LEU A 50 -19.60 15.19 -6.13
N SER A 51 -20.56 15.29 -5.22
CA SER A 51 -21.10 16.59 -4.84
C SER A 51 -20.07 17.50 -4.18
N TYR A 52 -19.06 16.92 -3.54
CA TYR A 52 -18.04 17.75 -2.89
C TYR A 52 -17.31 18.61 -3.92
N PHE A 53 -17.38 18.23 -5.18
CA PHE A 53 -16.67 18.99 -6.20
C PHE A 53 -17.53 19.63 -7.27
N GLY A 54 -18.74 19.14 -7.48
CA GLY A 54 -19.58 19.74 -8.50
C GLY A 54 -20.70 18.88 -9.01
N SER A 55 -21.46 19.44 -9.96
CA SER A 55 -22.60 18.75 -10.57
C SER A 55 -22.22 18.44 -12.00
N TYR A 56 -21.64 17.26 -12.16
CA TYR A 56 -21.16 16.84 -13.46
C TYR A 56 -22.20 15.98 -14.06
N GLY A 57 -23.35 15.98 -13.39
CA GLY A 57 -24.41 15.13 -13.83
C GLY A 57 -25.40 15.66 -14.82
N THR A 58 -25.26 15.23 -16.06
CA THR A 58 -26.18 15.65 -17.12
C THR A 58 -26.30 17.18 -17.15
N GLY A 62 -27.86 11.73 -15.89
CA GLY A 62 -26.61 12.21 -16.42
C GLY A 62 -25.43 11.36 -16.29
N TYR A 63 -24.26 11.98 -16.37
CA TYR A 63 -23.03 11.23 -16.21
C TYR A 63 -22.50 10.68 -17.52
N THR A 64 -21.73 11.50 -18.21
CA THR A 64 -21.12 11.09 -19.45
C THR A 64 -19.74 10.58 -19.18
N VAL A 65 -19.55 9.28 -19.32
CA VAL A 65 -18.26 8.69 -19.01
C VAL A 65 -17.09 9.63 -19.29
N PRO A 66 -16.95 10.08 -20.52
CA PRO A 66 -15.81 10.96 -20.80
C PRO A 66 -15.84 12.28 -20.10
N VAL A 67 -17.02 12.75 -19.76
CA VAL A 67 -17.04 13.99 -19.05
C VAL A 67 -16.73 13.77 -17.59
N LEU A 68 -16.98 12.56 -17.10
CA LEU A 68 -16.69 12.29 -15.71
C LEU A 68 -15.21 11.98 -15.57
N LYS A 69 -14.73 11.08 -16.41
CA LYS A 69 -13.32 10.68 -16.43
C LYS A 69 -12.45 11.92 -16.44
N ARG A 70 -12.87 12.90 -17.22
CA ARG A 70 -12.13 14.15 -17.34
C ARG A 70 -12.23 15.03 -16.11
N GLU A 71 -13.44 15.19 -15.57
CA GLU A 71 -13.58 16.01 -14.37
C GLU A 71 -12.88 15.37 -13.19
N LEU A 72 -12.89 14.04 -13.12
CA LEU A 72 -12.25 13.36 -12.00
C LEU A 72 -10.73 13.54 -12.03
N ARG A 73 -10.12 13.32 -13.18
CA ARG A 73 -8.67 13.46 -13.27
C ARG A 73 -8.24 14.89 -13.07
N HIS A 74 -9.19 15.81 -13.22
CA HIS A 74 -8.87 17.21 -13.01
C HIS A 74 -8.90 17.44 -11.50
N ILE A 75 -9.89 16.84 -10.84
CA ILE A 75 -10.03 16.96 -9.41
C ILE A 75 -8.83 16.33 -8.66
N LEU A 76 -8.34 15.20 -9.18
CA LEU A 76 -7.22 14.50 -8.55
C LEU A 76 -5.85 15.08 -8.94
N GLY A 77 -5.84 16.03 -9.84
CA GLY A 77 -4.59 16.65 -10.23
C GLY A 77 -3.78 15.82 -11.22
N LEU A 78 -4.46 14.92 -11.92
CA LEU A 78 -3.80 14.10 -12.93
C LEU A 78 -3.81 14.87 -14.23
N ASN A 79 -4.33 16.09 -14.18
CA ASN A 79 -4.38 16.89 -15.40
C ASN A 79 -3.06 17.64 -15.69
N ARG A 80 -1.99 17.21 -15.03
CA ARG A 80 -0.68 17.87 -15.16
C ARG A 80 0.39 16.80 -15.19
N LYS A 81 1.64 17.19 -15.40
CA LYS A 81 2.71 16.21 -15.43
C LYS A 81 3.61 16.31 -14.20
N TRP A 82 3.37 15.44 -13.22
CA TRP A 82 4.16 15.42 -11.99
C TRP A 82 5.55 14.84 -12.21
N GLY A 83 6.54 15.41 -11.54
CA GLY A 83 7.89 14.91 -11.64
C GLY A 83 8.19 13.99 -10.46
N LEU A 84 8.67 12.78 -10.74
CA LEU A 84 8.99 11.82 -9.69
C LEU A 84 10.47 11.46 -9.69
N CYS A 85 10.92 10.90 -8.57
CA CYS A 85 12.29 10.42 -8.45
C CYS A 85 12.17 9.24 -7.53
N ILE A 86 13.16 8.38 -7.57
CA ILE A 86 13.14 7.25 -6.69
C ILE A 86 14.39 7.29 -5.84
N VAL A 87 14.20 7.17 -4.54
CA VAL A 87 15.33 7.15 -3.63
C VAL A 87 15.36 5.71 -3.14
N GLY A 88 16.48 5.03 -3.38
CA GLY A 88 16.57 3.62 -3.00
C GLY A 88 16.37 2.79 -4.26
N MSE A 89 17.47 2.46 -4.91
CA MSE A 89 17.37 1.71 -6.15
C MSE A 89 17.64 0.21 -6.02
O MSE A 89 18.34 -0.37 -6.86
CB MSE A 89 18.28 2.35 -7.19
CG MSE A 89 17.78 3.69 -7.69
SE MSE A 89 16.08 3.47 -8.59
CE MSE A 89 16.61 2.07 -9.82
N GLY A 90 17.08 -0.40 -4.97
CA GLY A 90 17.24 -1.83 -4.76
C GLY A 90 16.20 -2.53 -5.61
N ASP A 91 15.82 -3.74 -5.24
CA ASP A 91 14.83 -4.51 -6.00
C ASP A 91 13.54 -3.71 -6.27
N LEU A 92 12.96 -3.13 -5.24
CA LEU A 92 11.75 -2.35 -5.41
C LEU A 92 12.01 -1.09 -6.22
N GLY A 93 13.06 -0.37 -5.84
CA GLY A 93 13.40 0.85 -6.57
C GLY A 93 13.53 0.58 -8.05
N SER A 94 14.19 -0.53 -8.38
CA SER A 94 14.43 -0.93 -9.76
C SER A 94 13.12 -1.33 -10.41
N ALA A 95 12.36 -2.19 -9.74
CA ALA A 95 11.06 -2.60 -10.28
C ALA A 95 10.24 -1.36 -10.62
N LEU A 96 10.13 -0.44 -9.67
CA LEU A 96 9.36 0.78 -9.89
C LEU A 96 9.91 1.58 -11.09
N ALA A 97 11.23 1.67 -11.18
CA ALA A 97 11.86 2.43 -12.26
C ALA A 97 11.45 1.92 -13.62
N ASP A 98 11.14 0.64 -13.72
CA ASP A 98 10.76 0.07 -15.00
C ASP A 98 9.28 -0.19 -15.16
N TYR A 99 8.51 0.24 -14.17
CA TYR A 99 7.08 0.09 -14.25
C TYR A 99 6.57 0.80 -15.48
N PRO A 100 5.84 0.11 -16.35
CA PRO A 100 5.32 0.76 -17.57
C PRO A 100 3.85 1.15 -17.46
N GLY A 101 3.46 1.86 -16.41
CA GLY A 101 2.06 2.21 -16.27
C GLY A 101 1.78 3.45 -15.48
N PHE A 102 2.76 4.35 -15.41
CA PHE A 102 2.55 5.59 -14.67
C PHE A 102 1.57 6.45 -15.43
N GLY A 103 1.76 6.51 -16.74
CA GLY A 103 0.88 7.31 -17.57
C GLY A 103 1.52 8.64 -17.82
N GLU A 104 0.82 9.51 -18.53
CA GLU A 104 1.36 10.83 -18.84
C GLU A 104 1.41 11.78 -17.64
N SER A 105 0.70 11.45 -16.57
CA SER A 105 0.68 12.34 -15.40
C SER A 105 1.88 12.25 -14.43
N PHE A 106 2.67 11.18 -14.53
CA PHE A 106 3.83 11.03 -13.65
C PHE A 106 5.10 10.70 -14.42
N GLU A 107 6.10 11.57 -14.30
CA GLU A 107 7.35 11.36 -15.01
C GLU A 107 8.54 11.20 -14.08
N LEU A 108 9.32 10.16 -14.31
CA LEU A 108 10.49 9.91 -13.50
C LEU A 108 11.64 10.77 -14.02
N ARG A 109 12.16 11.65 -13.18
CA ARG A 109 13.25 12.52 -13.58
C ARG A 109 14.51 12.33 -12.72
N GLY A 110 14.51 11.31 -11.88
CA GLY A 110 15.66 11.10 -11.01
C GLY A 110 15.63 9.76 -10.32
N PHE A 111 16.82 9.25 -10.02
CA PHE A 111 16.97 7.96 -9.36
C PHE A 111 18.18 8.17 -8.49
N PHE A 112 18.03 8.03 -7.18
CA PHE A 112 19.12 8.26 -6.27
C PHE A 112 19.43 7.08 -5.36
N ASP A 113 20.66 7.07 -4.85
CA ASP A 113 21.11 6.04 -3.93
C ASP A 113 22.46 6.44 -3.28
N VAL A 114 23.08 5.52 -2.55
CA VAL A 114 24.38 5.80 -1.95
C VAL A 114 25.38 4.66 -2.22
N ASP A 115 24.85 3.51 -2.63
CA ASP A 115 25.68 2.35 -2.91
C ASP A 115 26.58 2.74 -4.08
N PRO A 116 27.88 2.51 -3.95
CA PRO A 116 28.84 2.86 -5.02
C PRO A 116 28.60 2.04 -6.28
N GLU A 117 28.16 0.79 -6.11
CA GLU A 117 27.88 -0.10 -7.23
C GLU A 117 26.64 0.30 -8.01
N LYS A 118 25.78 1.11 -7.42
CA LYS A 118 24.56 1.52 -8.10
C LYS A 118 24.65 2.88 -8.72
N VAL A 119 25.28 3.81 -8.04
CA VAL A 119 25.38 5.12 -8.62
C VAL A 119 26.18 5.13 -9.90
N GLY A 120 25.78 5.99 -10.83
CA GLY A 120 26.48 6.06 -12.10
C GLY A 120 25.88 5.02 -13.02
N ARG A 121 25.04 4.16 -12.46
CA ARG A 121 24.42 3.14 -13.26
C ARG A 121 23.28 3.70 -14.11
N PRO A 122 23.23 3.31 -15.38
CA PRO A 122 22.16 3.83 -16.24
C PRO A 122 20.86 3.10 -16.01
N VAL A 123 19.76 3.81 -16.18
CA VAL A 123 18.45 3.22 -15.99
C VAL A 123 17.42 3.77 -16.96
N ARG A 124 16.28 3.08 -17.02
CA ARG A 124 15.26 3.53 -17.91
C ARG A 124 14.94 4.95 -17.46
N GLY A 125 15.11 5.90 -18.38
CA GLY A 125 14.85 7.28 -18.05
C GLY A 125 15.98 8.12 -17.48
N GLY A 126 17.19 7.58 -17.45
CA GLY A 126 18.32 8.34 -16.92
C GLY A 126 19.42 7.55 -16.26
N VAL A 127 19.92 8.05 -15.13
CA VAL A 127 21.00 7.39 -14.42
C VAL A 127 20.94 7.63 -12.91
N ILE A 128 21.40 6.64 -12.16
CA ILE A 128 21.41 6.77 -10.72
C ILE A 128 22.42 7.75 -10.22
N GLU A 129 21.99 8.60 -9.30
CA GLU A 129 22.88 9.60 -8.76
C GLU A 129 22.90 9.53 -7.24
N HIS A 130 23.99 9.99 -6.65
CA HIS A 130 24.11 9.97 -5.21
C HIS A 130 23.10 10.93 -4.58
N VAL A 131 22.50 10.54 -3.46
CA VAL A 131 21.49 11.38 -2.81
C VAL A 131 22.00 12.76 -2.48
N ASP A 132 23.31 12.91 -2.37
CA ASP A 132 23.91 14.21 -2.05
C ASP A 132 23.57 15.23 -3.11
N LEU A 133 23.10 14.75 -4.24
CA LEU A 133 22.74 15.61 -5.35
C LEU A 133 21.28 16.01 -5.40
N LEU A 134 20.48 15.57 -4.45
CA LEU A 134 19.07 15.92 -4.46
C LEU A 134 18.82 17.43 -4.35
N PRO A 135 19.61 18.14 -3.51
CA PRO A 135 19.38 19.58 -3.38
C PRO A 135 19.52 20.31 -4.70
N GLN A 136 20.22 19.65 -5.61
CA GLN A 136 20.53 20.16 -6.93
C GLN A 136 19.66 19.65 -8.01
N ARG A 137 18.82 18.69 -7.68
CA ARG A 137 18.02 18.03 -8.69
C ARG A 137 16.54 18.12 -8.48
N VAL A 138 16.16 18.51 -7.28
CA VAL A 138 14.77 18.55 -6.93
C VAL A 138 14.03 19.83 -7.23
N PRO A 139 14.53 20.96 -6.72
CA PRO A 139 13.87 22.24 -6.98
C PRO A 139 13.48 22.43 -8.44
N GLY A 140 12.20 22.70 -8.68
CA GLY A 140 11.70 22.95 -10.02
C GLY A 140 11.53 21.77 -10.95
N ARG A 141 11.97 20.58 -10.56
CA ARG A 141 11.85 19.42 -11.43
C ARG A 141 11.17 18.22 -10.82
N ILE A 142 11.33 18.04 -9.51
CA ILE A 142 10.78 16.90 -8.81
C ILE A 142 9.88 17.21 -7.62
N GLU A 143 8.61 16.86 -7.71
CA GLU A 143 7.69 17.13 -6.61
C GLU A 143 7.51 15.94 -5.70
N ILE A 144 7.45 14.75 -6.27
CA ILE A 144 7.21 13.57 -5.49
C ILE A 144 8.33 12.56 -5.51
N ALA A 145 8.61 12.01 -4.34
CA ALA A 145 9.67 11.04 -4.26
C ALA A 145 9.17 9.69 -3.79
N LEU A 146 9.51 8.65 -4.54
CA LEU A 146 9.14 7.31 -4.17
C LEU A 146 10.25 6.80 -3.23
N LEU A 147 9.96 6.78 -1.94
CA LEU A 147 10.92 6.34 -0.94
C LEU A 147 10.90 4.83 -0.74
N THR A 148 11.99 4.17 -1.13
CA THR A 148 12.05 2.73 -0.99
C THR A 148 13.30 2.17 -0.32
N VAL A 149 13.96 2.98 0.50
CA VAL A 149 15.15 2.52 1.20
C VAL A 149 14.82 1.58 2.36
N PRO A 150 15.84 0.89 2.91
CA PRO A 150 15.61 -0.01 4.04
C PRO A 150 14.91 0.74 5.15
N ARG A 151 14.28 0.00 6.04
CA ARG A 151 13.57 0.59 7.12
C ARG A 151 14.44 1.55 7.91
N GLU A 152 15.59 1.05 8.33
CA GLU A 152 16.50 1.83 9.15
C GLU A 152 17.08 3.11 8.58
N ALA A 153 16.93 3.34 7.27
CA ALA A 153 17.46 4.57 6.68
C ALA A 153 16.35 5.52 6.22
N ALA A 154 15.11 5.06 6.29
CA ALA A 154 13.97 5.85 5.83
C ALA A 154 13.88 7.28 6.33
N GLN A 155 13.80 7.45 7.65
CA GLN A 155 13.69 8.76 8.24
C GLN A 155 14.77 9.70 7.71
N LYS A 156 16.01 9.20 7.68
CA LYS A 156 17.14 9.97 7.19
C LYS A 156 16.95 10.36 5.75
N ALA A 157 16.56 9.41 4.91
CA ALA A 157 16.36 9.75 3.50
C ALA A 157 15.25 10.80 3.42
N ALA A 158 14.25 10.66 4.26
CA ALA A 158 13.13 11.60 4.29
C ALA A 158 13.60 13.00 4.73
N ASP A 159 14.52 13.04 5.67
CA ASP A 159 15.05 14.32 6.15
C ASP A 159 15.76 15.01 4.99
N LEU A 160 16.48 14.23 4.19
CA LEU A 160 17.20 14.77 3.06
C LEU A 160 16.27 15.26 1.96
N LEU A 161 15.21 14.51 1.67
CA LEU A 161 14.27 14.93 0.63
C LEU A 161 13.61 16.23 1.07
N VAL A 162 13.19 16.29 2.33
CA VAL A 162 12.55 17.50 2.85
C VAL A 162 13.50 18.68 2.60
N ALA A 163 14.74 18.55 3.06
CA ALA A 163 15.73 19.59 2.89
C ALA A 163 15.85 19.99 1.41
N ALA A 164 15.71 19.03 0.51
CA ALA A 164 15.82 19.33 -0.91
C ALA A 164 14.59 20.03 -1.48
N GLY A 165 13.55 20.17 -0.66
CA GLY A 165 12.35 20.85 -1.14
C GLY A 165 11.31 19.99 -1.83
N ILE A 166 11.19 18.76 -1.41
CA ILE A 166 10.23 17.88 -2.00
C ILE A 166 8.80 18.18 -1.50
N LYS A 167 7.80 17.97 -2.36
CA LYS A 167 6.42 18.26 -1.98
C LYS A 167 5.69 17.06 -1.39
N GLY A 168 6.04 15.87 -1.86
CA GLY A 168 5.37 14.69 -1.35
C GLY A 168 6.20 13.43 -1.43
N ILE A 169 6.08 12.64 -0.37
CA ILE A 169 6.80 11.38 -0.27
C ILE A 169 5.82 10.22 -0.31
N LEU A 170 6.10 9.26 -1.17
CA LEU A 170 5.29 8.06 -1.26
C LEU A 170 6.21 7.08 -0.54
N ASN A 171 5.91 6.86 0.74
CA ASN A 171 6.71 6.01 1.62
C ASN A 171 6.38 4.53 1.57
N PHE A 172 7.36 3.71 1.18
CA PHE A 172 7.20 2.26 1.09
C PHE A 172 7.87 1.56 2.28
N ALA A 173 8.46 2.33 3.19
CA ALA A 173 9.12 1.72 4.34
C ALA A 173 8.15 1.58 5.50
N PRO A 174 8.23 0.45 6.21
CA PRO A 174 7.35 0.18 7.35
C PRO A 174 7.64 1.05 8.55
N VAL A 175 7.70 2.34 8.33
CA VAL A 175 7.97 3.25 9.44
C VAL A 175 7.12 4.47 9.29
N VAL A 176 6.90 5.15 10.40
CA VAL A 176 6.15 6.37 10.36
C VAL A 176 7.13 7.51 10.17
N LEU A 177 7.15 8.10 8.99
CA LEU A 177 8.08 9.19 8.76
C LEU A 177 7.65 10.42 9.54
N GLU A 178 8.62 11.19 9.97
CA GLU A 178 8.40 12.44 10.70
C GLU A 178 8.81 13.54 9.71
N VAL A 179 7.84 14.32 9.22
CA VAL A 179 8.15 15.37 8.26
C VAL A 179 7.41 16.68 8.54
N PRO A 180 8.00 17.83 8.12
CA PRO A 180 7.34 19.10 8.36
C PRO A 180 5.95 19.10 7.76
N LYS A 181 5.03 19.81 8.39
CA LYS A 181 3.65 19.76 7.92
C LYS A 181 3.43 20.11 6.48
N GLU A 182 4.25 20.99 5.90
CA GLU A 182 4.04 21.31 4.48
C GLU A 182 4.47 20.20 3.52
N VAL A 183 4.88 19.06 4.05
CA VAL A 183 5.26 17.97 3.16
C VAL A 183 4.25 16.84 3.30
N ALA A 184 3.68 16.40 2.19
CA ALA A 184 2.68 15.34 2.22
C ALA A 184 3.34 13.98 2.23
N VAL A 185 2.67 13.01 2.85
CA VAL A 185 3.19 11.66 2.94
C VAL A 185 2.08 10.65 2.73
N GLU A 186 2.35 9.66 1.90
CA GLU A 186 1.40 8.59 1.65
C GLU A 186 2.19 7.32 1.79
N ASN A 187 1.65 6.37 2.51
CA ASN A 187 2.32 5.10 2.71
C ASN A 187 1.73 3.98 1.89
N VAL A 188 2.59 3.10 1.40
CA VAL A 188 2.17 1.91 0.69
C VAL A 188 2.88 0.85 1.53
N ASP A 189 2.12 0.21 2.40
CA ASP A 189 2.64 -0.76 3.35
C ASP A 189 2.06 -2.16 3.13
N PHE A 190 2.79 -3.00 2.38
CA PHE A 190 2.31 -4.35 2.10
C PHE A 190 2.47 -5.27 3.30
N LEU A 191 3.50 -5.06 4.12
CA LEU A 191 3.64 -5.88 5.31
C LEU A 191 2.39 -5.61 6.16
N ALA A 192 1.96 -4.34 6.20
CA ALA A 192 0.77 -3.98 6.98
C ALA A 192 -0.48 -4.69 6.43
N GLY A 193 -0.60 -4.77 5.09
CA GLY A 193 -1.75 -5.42 4.48
C GLY A 193 -1.73 -6.90 4.86
N LEU A 194 -0.53 -7.46 4.86
CA LEU A 194 -0.34 -8.84 5.24
C LEU A 194 -0.83 -9.10 6.65
N THR A 195 -0.38 -8.26 7.56
CA THR A 195 -0.80 -8.46 8.92
C THR A 195 -2.28 -8.13 9.04
N ARG A 196 -2.83 -7.31 8.15
CA ARG A 196 -4.26 -7.02 8.25
C ARG A 196 -4.99 -8.25 7.81
N LEU A 197 -4.49 -8.91 6.78
CA LEU A 197 -5.12 -10.12 6.35
C LEU A 197 -5.04 -11.20 7.42
N SER A 198 -3.90 -11.29 8.07
CA SER A 198 -3.75 -12.28 9.12
C SER A 198 -4.87 -12.09 10.16
N PHE A 199 -5.07 -10.86 10.59
CA PHE A 199 -6.08 -10.59 11.59
C PHE A 199 -7.44 -10.99 11.03
N ALA A 200 -7.75 -10.50 9.84
CA ALA A 200 -9.04 -10.78 9.19
C ALA A 200 -9.36 -12.25 9.11
N ILE A 201 -8.37 -13.06 8.78
CA ILE A 201 -8.60 -14.48 8.72
C ILE A 201 -8.99 -15.05 10.07
N LEU A 202 -8.43 -14.52 11.14
CA LEU A 202 -8.77 -15.09 12.41
C LEU A 202 -9.98 -14.52 13.01
N ASN A 203 -10.46 -13.43 12.47
CA ASN A 203 -11.66 -12.85 13.01
C ASN A 203 -12.66 -12.75 11.87
N PRO A 204 -13.11 -13.91 11.33
CA PRO A 204 -14.07 -13.98 10.23
C PRO A 204 -15.44 -13.41 10.56
N LYS A 205 -15.90 -13.58 11.79
CA LYS A 205 -17.19 -13.03 12.12
C LYS A 205 -17.04 -11.54 12.20
N TRP A 206 -15.88 -11.11 12.67
CA TRP A 206 -15.60 -9.69 12.72
C TRP A 206 -15.52 -9.33 11.23
N ARG A 207 -15.22 -10.35 10.43
CA ARG A 207 -15.09 -10.22 8.97
C ARG A 207 -13.84 -9.44 8.63
N MSE B 2 -15.29 -5.55 21.05
CA MSE B 2 -16.69 -5.55 20.55
C MSE B 2 -16.83 -4.52 19.42
O MSE B 2 -17.39 -4.81 18.37
CB MSE B 2 -17.66 -5.21 21.71
CG MSE B 2 -19.15 -5.42 21.41
SE MSE B 2 -19.72 -7.28 21.08
CE MSE B 2 -20.13 -7.83 22.90
N LYS B 3 -16.30 -3.33 19.64
CA LYS B 3 -16.34 -2.23 18.66
C LYS B 3 -15.35 -2.52 17.54
N VAL B 4 -14.07 -2.38 17.85
CA VAL B 4 -12.92 -2.72 16.97
C VAL B 4 -12.73 -2.28 15.55
N PRO B 5 -12.77 -0.98 15.33
CA PRO B 5 -12.57 -0.41 14.01
C PRO B 5 -11.32 -0.86 13.35
N GLU B 6 -11.34 -1.00 12.04
CA GLU B 6 -10.12 -1.46 11.42
C GLU B 6 -9.01 -0.41 11.47
N ALA B 7 -9.39 0.85 11.58
CA ALA B 7 -8.38 1.87 11.68
C ALA B 7 -7.48 1.51 12.87
N ALA B 8 -8.03 0.76 13.82
CA ALA B 8 -7.28 0.37 15.01
C ALA B 8 -6.34 -0.79 14.73
N ILE B 9 -6.69 -1.62 13.76
CA ILE B 9 -5.82 -2.72 13.49
C ILE B 9 -4.54 -2.21 12.83
N SER B 10 -4.69 -1.21 11.97
CA SER B 10 -3.53 -0.63 11.31
C SER B 10 -2.62 0.00 12.35
N ARG B 11 -3.22 0.69 13.32
CA ARG B 11 -2.42 1.34 14.36
C ARG B 11 -1.72 0.34 15.28
N LEU B 12 -2.33 -0.83 15.48
CA LEU B 12 -1.70 -1.85 16.30
C LEU B 12 -0.44 -2.35 15.63
N ILE B 13 -0.49 -2.37 14.31
CA ILE B 13 0.64 -2.77 13.51
C ILE B 13 1.77 -1.81 13.78
N THR B 14 1.41 -0.53 13.81
CA THR B 14 2.38 0.50 14.04
C THR B 14 2.96 0.41 15.46
N TYR B 15 2.12 0.11 16.44
CA TYR B 15 2.63 0.01 17.82
C TYR B 15 3.63 -1.16 17.95
N LEU B 16 3.29 -2.30 17.36
CA LEU B 16 4.15 -3.47 17.46
C LEU B 16 5.53 -3.14 16.86
N ARG B 17 5.52 -2.46 15.71
CA ARG B 17 6.77 -2.10 15.06
C ARG B 17 7.57 -1.20 15.98
N ILE B 18 6.90 -0.25 16.60
CA ILE B 18 7.55 0.66 17.52
C ILE B 18 8.10 -0.10 18.74
N LEU B 19 7.37 -1.13 19.18
CA LEU B 19 7.83 -1.93 20.30
C LEU B 19 9.10 -2.70 19.91
N GLU B 20 9.08 -3.33 18.74
CA GLU B 20 10.25 -4.08 18.27
C GLU B 20 11.44 -3.13 18.33
N GLU B 21 11.26 -1.95 17.76
CA GLU B 21 12.34 -0.98 17.74
C GLU B 21 12.79 -0.60 19.15
N LEU B 22 11.85 -0.33 20.06
CA LEU B 22 12.22 0.04 21.43
C LEU B 22 12.99 -1.10 22.09
N GLU B 23 12.55 -2.33 21.85
CA GLU B 23 13.22 -3.50 22.42
C GLU B 23 14.65 -3.55 21.90
N ALA B 24 14.80 -3.34 20.59
CA ALA B 24 16.10 -3.37 19.97
C ALA B 24 17.01 -2.34 20.63
N GLN B 25 16.43 -1.31 21.24
CA GLN B 25 17.27 -0.31 21.90
C GLN B 25 17.38 -0.54 23.35
N GLY B 26 17.02 -1.74 23.78
CA GLY B 26 17.13 -2.08 25.18
C GLY B 26 16.09 -1.48 26.12
N VAL B 27 15.07 -0.83 25.57
CA VAL B 27 14.06 -0.25 26.43
C VAL B 27 13.17 -1.31 27.01
N HIS B 28 12.94 -1.25 28.31
CA HIS B 28 12.11 -2.29 28.89
C HIS B 28 10.69 -1.87 29.16
N ARG B 29 10.51 -0.59 29.38
CA ARG B 29 9.22 -0.08 29.72
C ARG B 29 8.88 1.17 28.95
N THR B 30 7.64 1.28 28.50
CA THR B 30 7.21 2.46 27.77
C THR B 30 5.86 2.86 28.33
N SER B 31 5.20 3.81 27.65
CA SER B 31 3.90 4.29 28.10
C SER B 31 3.08 4.72 26.89
N SER B 32 1.77 4.86 27.07
CA SER B 32 0.92 5.26 25.96
C SER B 32 1.37 6.60 25.42
N GLU B 33 1.88 7.46 26.29
CA GLU B 33 2.36 8.78 25.88
C GLU B 33 3.56 8.61 24.93
N GLN B 34 4.47 7.72 25.31
CA GLN B 34 5.64 7.50 24.49
C GLN B 34 5.21 6.86 23.19
N LEU B 35 4.35 5.86 23.31
CA LEU B 35 3.88 5.15 22.15
C LEU B 35 3.15 6.03 21.20
N GLY B 36 2.38 6.97 21.73
CA GLY B 36 1.64 7.84 20.84
C GLY B 36 2.57 8.77 20.10
N GLU B 37 3.60 9.24 20.80
CA GLU B 37 4.55 10.17 20.24
C GLU B 37 5.26 9.56 19.04
N LEU B 38 5.51 8.26 19.11
CA LEU B 38 6.17 7.57 18.03
C LEU B 38 5.26 7.12 16.93
N ALA B 39 3.99 6.86 17.24
CA ALA B 39 3.06 6.42 16.23
C ALA B 39 2.33 7.63 15.70
N GLN B 40 2.68 8.78 16.27
CA GLN B 40 2.05 10.03 15.90
C GLN B 40 0.54 10.03 16.12
N VAL B 41 0.13 9.62 17.32
CA VAL B 41 -1.28 9.69 17.70
C VAL B 41 -1.33 10.06 19.18
N THR B 42 -2.51 10.35 19.68
CA THR B 42 -2.66 10.73 21.07
C THR B 42 -2.47 9.49 21.94
N ALA B 43 -2.13 9.71 23.20
CA ALA B 43 -1.95 8.62 24.17
C ALA B 43 -3.32 7.99 24.39
N PHE B 44 -4.37 8.77 24.18
CA PHE B 44 -5.72 8.28 24.32
C PHE B 44 -5.98 7.25 23.25
N GLN B 45 -5.61 7.60 22.05
CA GLN B 45 -5.84 6.69 20.96
C GLN B 45 -5.16 5.37 21.25
N VAL B 46 -3.96 5.42 21.81
CA VAL B 46 -3.27 4.18 22.10
C VAL B 46 -3.96 3.32 23.13
N ARG B 47 -4.26 3.89 24.29
CA ARG B 47 -4.91 3.13 25.32
C ARG B 47 -6.25 2.60 24.85
N LYS B 48 -6.95 3.40 24.07
CA LYS B 48 -8.23 2.95 23.56
C LYS B 48 -8.07 1.78 22.58
N ASP B 49 -7.04 1.86 21.73
CA ASP B 49 -6.80 0.80 20.76
C ASP B 49 -6.46 -0.52 21.45
N LEU B 50 -5.68 -0.44 22.52
CA LEU B 50 -5.27 -1.64 23.24
C LEU B 50 -6.40 -2.20 24.09
N SER B 51 -7.30 -1.32 24.51
CA SER B 51 -8.41 -1.73 25.37
C SER B 51 -9.37 -2.69 24.69
N TYR B 52 -9.44 -2.62 23.36
CA TYR B 52 -10.33 -3.49 22.61
C TYR B 52 -10.00 -4.97 22.79
N PHE B 53 -8.85 -5.25 23.35
CA PHE B 53 -8.43 -6.62 23.46
C PHE B 53 -8.04 -7.05 24.83
N GLY B 54 -7.62 -6.09 25.66
CA GLY B 54 -7.24 -6.43 27.01
C GLY B 54 -6.53 -5.35 27.79
N SER B 55 -6.10 -5.72 28.99
CA SER B 55 -5.38 -4.84 29.89
C SER B 55 -4.02 -5.46 30.03
N TYR B 56 -3.08 -4.96 29.24
CA TYR B 56 -1.75 -5.52 29.24
C TYR B 56 -0.75 -4.71 30.02
N GLY B 57 -1.09 -3.46 30.32
CA GLY B 57 -0.17 -2.63 31.07
C GLY B 57 -0.13 -2.82 32.57
N THR B 58 0.37 -1.79 33.25
CA THR B 58 0.50 -1.76 34.70
C THR B 58 0.09 -0.34 35.07
N ARG B 59 -0.98 -0.19 35.85
CA ARG B 59 -1.39 1.18 36.17
C ARG B 59 -0.41 1.88 37.06
N GLY B 60 -0.29 3.17 36.84
CA GLY B 60 0.64 3.97 37.60
C GLY B 60 2.04 3.80 37.06
N VAL B 61 2.28 2.73 36.30
CA VAL B 61 3.61 2.49 35.78
C VAL B 61 3.70 2.62 34.27
N GLY B 62 3.12 1.68 33.55
CA GLY B 62 3.16 1.75 32.11
C GLY B 62 3.16 0.37 31.49
N TYR B 63 3.69 0.27 30.27
CA TYR B 63 3.72 -1.02 29.60
C TYR B 63 5.11 -1.60 29.46
N THR B 64 5.25 -2.87 29.85
CA THR B 64 6.52 -3.56 29.73
C THR B 64 6.61 -3.94 28.25
N VAL B 65 7.63 -3.43 27.58
CA VAL B 65 7.86 -3.66 26.16
C VAL B 65 7.74 -5.10 25.66
N PRO B 66 8.52 -6.04 26.21
CA PRO B 66 8.35 -7.40 25.68
C PRO B 66 6.97 -8.04 25.93
N VAL B 67 6.23 -7.54 26.93
CA VAL B 67 4.89 -8.08 27.19
C VAL B 67 3.90 -7.59 26.16
N LEU B 68 3.80 -6.27 26.01
CA LEU B 68 2.86 -5.72 25.06
C LEU B 68 3.21 -6.24 23.67
N LYS B 69 4.51 -6.26 23.36
CA LYS B 69 5.00 -6.79 22.09
C LYS B 69 4.43 -8.18 21.88
N ARG B 70 4.59 -9.03 22.88
CA ARG B 70 4.06 -10.37 22.80
C ARG B 70 2.54 -10.35 22.61
N GLU B 71 1.86 -9.50 23.36
CA GLU B 71 0.40 -9.39 23.25
C GLU B 71 -0.08 -8.95 21.87
N LEU B 72 0.55 -7.92 21.30
CA LEU B 72 0.15 -7.47 19.98
C LEU B 72 0.38 -8.52 18.91
N ARG B 73 1.51 -9.23 18.98
CA ARG B 73 1.78 -10.25 17.98
C ARG B 73 0.67 -11.30 18.04
N HIS B 74 0.12 -11.52 19.22
CA HIS B 74 -0.92 -12.51 19.41
C HIS B 74 -2.17 -12.06 18.71
N ILE B 75 -2.59 -10.86 19.06
CA ILE B 75 -3.78 -10.33 18.45
C ILE B 75 -3.71 -10.27 16.96
N LEU B 76 -2.58 -9.79 16.46
CA LEU B 76 -2.39 -9.65 15.02
C LEU B 76 -2.24 -11.00 14.32
N GLY B 77 -2.19 -12.07 15.11
CA GLY B 77 -2.06 -13.40 14.53
C GLY B 77 -0.70 -13.62 13.93
N LEU B 78 0.31 -13.01 14.52
CA LEU B 78 1.67 -13.18 14.04
C LEU B 78 2.36 -14.26 14.83
N ASN B 79 1.68 -14.79 15.84
CA ASN B 79 2.27 -15.82 16.67
C ASN B 79 2.17 -17.20 16.02
N ARG B 80 1.88 -17.20 14.73
CA ARG B 80 1.75 -18.44 13.97
C ARG B 80 2.57 -18.27 12.73
N LYS B 81 2.55 -19.30 11.91
CA LYS B 81 3.32 -19.28 10.68
C LYS B 81 2.39 -19.47 9.51
N TRP B 82 2.07 -18.36 8.86
CA TRP B 82 1.17 -18.36 7.70
C TRP B 82 1.86 -18.88 6.44
N GLY B 83 1.06 -19.47 5.56
CA GLY B 83 1.55 -20.00 4.30
C GLY B 83 1.21 -19.04 3.18
N LEU B 84 2.24 -18.57 2.50
CA LEU B 84 2.12 -17.60 1.43
C LEU B 84 2.45 -18.10 0.04
N CYS B 85 1.82 -17.51 -0.96
CA CYS B 85 2.11 -17.87 -2.33
C CYS B 85 2.02 -16.61 -3.16
N ILE B 86 2.87 -16.51 -4.15
CA ILE B 86 2.89 -15.35 -5.03
C ILE B 86 2.39 -15.65 -6.40
N VAL B 87 1.28 -15.04 -6.78
CA VAL B 87 0.77 -15.29 -8.11
C VAL B 87 1.05 -14.15 -9.06
N GLY B 88 1.97 -14.38 -10.00
CA GLY B 88 2.31 -13.35 -10.96
C GLY B 88 3.77 -13.03 -10.72
N MSE B 89 4.63 -13.90 -11.24
CA MSE B 89 6.06 -13.74 -11.08
C MSE B 89 6.69 -12.73 -12.00
O MSE B 89 7.74 -12.95 -12.62
CB MSE B 89 6.76 -15.09 -11.19
CG MSE B 89 6.52 -15.91 -9.96
SE MSE B 89 7.03 -14.89 -8.38
CE MSE B 89 8.94 -15.12 -8.46
N GLY B 90 5.99 -11.61 -12.09
CA GLY B 90 6.51 -10.52 -12.83
C GLY B 90 7.40 -9.91 -11.78
N ASP B 91 7.99 -8.84 -12.23
CA ASP B 91 8.84 -7.89 -11.58
C ASP B 91 8.59 -7.60 -10.10
N LEU B 92 7.35 -7.38 -9.75
CA LEU B 92 7.04 -7.11 -8.37
C LEU B 92 7.11 -8.42 -7.59
N GLY B 93 6.44 -9.41 -8.16
CA GLY B 93 6.42 -10.72 -7.54
C GLY B 93 7.83 -11.24 -7.36
N SER B 94 8.72 -10.97 -8.30
CA SER B 94 10.08 -11.47 -8.19
C SER B 94 10.85 -10.69 -7.11
N ALA B 95 10.49 -9.42 -6.94
CA ALA B 95 11.10 -8.59 -5.91
C ALA B 95 10.65 -9.15 -4.58
N LEU B 96 9.35 -9.45 -4.50
CA LEU B 96 8.77 -10.02 -3.30
C LEU B 96 9.45 -11.34 -2.93
N ALA B 97 9.55 -12.27 -3.88
CA ALA B 97 10.18 -13.56 -3.63
C ALA B 97 11.51 -13.36 -2.94
N ASP B 98 12.15 -12.25 -3.30
CA ASP B 98 13.44 -11.93 -2.76
C ASP B 98 13.46 -11.04 -1.56
N TYR B 99 12.28 -10.68 -1.06
CA TYR B 99 12.23 -9.82 0.10
C TYR B 99 12.71 -10.63 1.30
N PRO B 100 13.73 -10.11 2.02
CA PRO B 100 14.25 -10.83 3.19
C PRO B 100 13.62 -10.43 4.52
N GLY B 101 12.73 -9.45 4.51
CA GLY B 101 12.12 -9.01 5.74
C GLY B 101 10.77 -9.60 6.11
N PHE B 102 10.49 -10.82 5.64
CA PHE B 102 9.21 -11.45 5.95
C PHE B 102 9.13 -11.90 7.40
N GLY B 103 10.22 -12.42 7.94
CA GLY B 103 10.21 -12.87 9.31
C GLY B 103 9.58 -14.23 9.51
N GLU B 104 9.56 -14.66 10.77
CA GLU B 104 9.01 -15.95 11.16
C GLU B 104 7.53 -16.15 10.79
N SER B 105 6.72 -15.14 11.00
CA SER B 105 5.29 -15.23 10.75
C SER B 105 4.80 -15.54 9.33
N PHE B 106 5.59 -15.23 8.32
CA PHE B 106 5.14 -15.48 6.94
C PHE B 106 6.13 -16.28 6.12
N GLU B 107 5.65 -17.37 5.53
CA GLU B 107 6.54 -18.23 4.74
C GLU B 107 6.08 -18.45 3.31
N LEU B 108 6.99 -18.23 2.38
CA LEU B 108 6.67 -18.41 0.98
C LEU B 108 6.67 -19.86 0.58
N ARG B 109 5.53 -20.30 0.10
CA ARG B 109 5.39 -21.69 -0.31
C ARG B 109 4.90 -21.76 -1.74
N GLY B 110 4.24 -20.71 -2.19
CA GLY B 110 3.74 -20.70 -3.54
C GLY B 110 4.52 -19.77 -4.44
N PHE B 111 4.45 -20.06 -5.72
CA PHE B 111 5.07 -19.25 -6.70
C PHE B 111 4.29 -19.74 -7.84
N PHE B 112 3.74 -18.81 -8.61
CA PHE B 112 2.94 -19.17 -9.76
C PHE B 112 2.96 -18.15 -10.88
N ASP B 113 2.41 -18.55 -12.02
CA ASP B 113 2.21 -17.69 -13.14
C ASP B 113 1.81 -18.65 -14.31
N VAL B 114 1.51 -18.09 -15.48
CA VAL B 114 1.11 -18.90 -16.64
C VAL B 114 2.06 -18.74 -17.80
N ASP B 115 2.90 -17.72 -17.75
CA ASP B 115 3.80 -17.53 -18.86
C ASP B 115 4.87 -18.58 -18.96
N PRO B 116 4.83 -19.37 -20.02
CA PRO B 116 5.79 -20.43 -20.25
C PRO B 116 7.22 -20.01 -20.04
N GLU B 117 7.53 -18.75 -20.35
CA GLU B 117 8.90 -18.33 -20.23
C GLU B 117 9.35 -18.11 -18.81
N LYS B 118 8.45 -18.25 -17.86
CA LYS B 118 8.82 -18.11 -16.47
C LYS B 118 8.57 -19.42 -15.75
N VAL B 119 7.44 -20.05 -16.04
CA VAL B 119 7.11 -21.30 -15.39
C VAL B 119 8.26 -22.27 -15.43
N GLY B 120 8.76 -22.67 -14.28
CA GLY B 120 9.86 -23.61 -14.25
C GLY B 120 11.17 -22.98 -13.82
N ARG B 121 11.13 -21.68 -13.55
CA ARG B 121 12.33 -20.99 -13.11
C ARG B 121 12.46 -21.17 -11.61
N PRO B 122 13.64 -21.61 -11.16
CA PRO B 122 13.86 -21.82 -9.72
C PRO B 122 14.05 -20.51 -8.96
N VAL B 123 12.99 -20.03 -8.31
CA VAL B 123 13.09 -18.80 -7.55
C VAL B 123 13.61 -19.09 -6.14
N ARG B 124 13.81 -18.04 -5.35
CA ARG B 124 14.30 -18.18 -3.98
C ARG B 124 13.62 -19.36 -3.28
N GLY B 125 14.42 -20.34 -2.87
CA GLY B 125 13.89 -21.50 -2.20
C GLY B 125 12.57 -22.01 -2.79
N GLY B 126 12.62 -22.43 -4.04
CA GLY B 126 11.42 -22.93 -4.67
C GLY B 126 11.48 -22.87 -6.16
N VAL B 127 10.31 -22.98 -6.76
CA VAL B 127 10.24 -23.02 -8.20
C VAL B 127 8.90 -22.59 -8.68
N ILE B 128 8.90 -21.80 -9.73
CA ILE B 128 7.65 -21.36 -10.30
C ILE B 128 6.85 -22.50 -10.88
N GLU B 129 5.56 -22.28 -11.02
CA GLU B 129 4.70 -23.31 -11.55
C GLU B 129 3.44 -22.72 -12.10
N HIS B 130 2.77 -23.47 -12.96
CA HIS B 130 1.56 -22.97 -13.58
C HIS B 130 0.44 -22.84 -12.55
N VAL B 131 -0.46 -21.89 -12.79
CA VAL B 131 -1.56 -21.64 -11.87
C VAL B 131 -2.64 -22.71 -11.97
N ASP B 132 -2.34 -23.74 -12.74
CA ASP B 132 -3.31 -24.81 -12.89
C ASP B 132 -3.20 -25.70 -11.66
N LEU B 133 -2.02 -25.73 -11.06
CA LEU B 133 -1.78 -26.55 -9.89
C LEU B 133 -2.26 -25.90 -8.63
N LEU B 134 -3.07 -24.88 -8.77
CA LEU B 134 -3.57 -24.18 -7.62
C LEU B 134 -4.45 -25.07 -6.77
N PRO B 135 -5.42 -25.75 -7.40
CA PRO B 135 -6.29 -26.63 -6.62
C PRO B 135 -5.50 -27.65 -5.82
N GLN B 136 -4.34 -28.06 -6.34
CA GLN B 136 -3.57 -29.07 -5.62
C GLN B 136 -2.36 -28.56 -4.80
N ARG B 137 -2.39 -27.27 -4.48
CA ARG B 137 -1.26 -26.62 -3.79
C ARG B 137 -1.66 -25.75 -2.64
N VAL B 138 -2.79 -25.12 -2.79
CA VAL B 138 -3.32 -24.22 -1.80
C VAL B 138 -3.81 -24.83 -0.49
N PRO B 139 -4.71 -25.81 -0.59
CA PRO B 139 -5.26 -26.48 0.60
C PRO B 139 -4.24 -26.89 1.64
N GLY B 140 -4.43 -26.40 2.85
CA GLY B 140 -3.52 -26.79 3.91
C GLY B 140 -2.07 -26.42 3.77
N ARG B 141 -1.73 -25.53 2.85
CA ARG B 141 -0.35 -25.10 2.85
C ARG B 141 -0.24 -23.64 2.49
N ILE B 142 -1.25 -23.11 1.83
CA ILE B 142 -1.25 -21.70 1.51
C ILE B 142 -2.51 -21.07 1.98
N GLU B 143 -2.39 -20.06 2.83
CA GLU B 143 -3.58 -19.41 3.32
C GLU B 143 -3.72 -18.09 2.63
N ILE B 144 -2.59 -17.45 2.41
CA ILE B 144 -2.56 -16.13 1.84
C ILE B 144 -1.85 -15.95 0.53
N ALA B 145 -2.49 -15.24 -0.38
CA ALA B 145 -1.86 -15.05 -1.66
C ALA B 145 -1.56 -13.62 -2.02
N LEU B 146 -0.34 -13.44 -2.52
CA LEU B 146 0.14 -12.16 -3.00
C LEU B 146 -0.23 -12.03 -4.42
N LEU B 147 -1.28 -11.29 -4.69
CA LEU B 147 -1.71 -11.14 -6.05
C LEU B 147 -1.02 -9.99 -6.78
N THR B 148 -0.13 -10.35 -7.71
CA THR B 148 0.62 -9.36 -8.45
C THR B 148 0.56 -9.57 -9.93
N VAL B 149 -0.58 -9.39 -10.55
CA VAL B 149 -0.61 -9.56 -11.98
C VAL B 149 -1.14 -8.27 -12.61
N PRO B 150 -0.96 -8.11 -13.95
CA PRO B 150 -1.44 -6.93 -14.65
C PRO B 150 -2.92 -6.70 -14.41
N ARG B 151 -3.29 -5.43 -14.28
CA ARG B 151 -4.66 -5.03 -14.01
C ARG B 151 -5.75 -5.79 -14.75
N GLU B 152 -5.45 -6.37 -15.90
CA GLU B 152 -6.52 -7.04 -16.60
C GLU B 152 -6.65 -8.52 -16.24
N ALA B 153 -5.58 -9.11 -15.73
CA ALA B 153 -5.60 -10.50 -15.32
C ALA B 153 -5.98 -10.68 -13.85
N ALA B 154 -6.02 -9.59 -13.08
CA ALA B 154 -6.36 -9.61 -11.62
C ALA B 154 -7.61 -10.36 -11.19
N GLN B 155 -8.76 -9.90 -11.68
CA GLN B 155 -10.05 -10.51 -11.36
C GLN B 155 -10.11 -11.98 -11.77
N LYS B 156 -9.40 -12.34 -12.84
CA LYS B 156 -9.39 -13.73 -13.28
C LYS B 156 -8.60 -14.54 -12.26
N ALA B 157 -7.40 -14.07 -11.95
CA ALA B 157 -6.53 -14.75 -10.98
C ALA B 157 -7.20 -14.94 -9.62
N ALA B 158 -8.05 -13.99 -9.25
CA ALA B 158 -8.74 -14.06 -7.96
C ALA B 158 -9.66 -15.26 -7.91
N ASP B 159 -10.52 -15.40 -8.92
CA ASP B 159 -11.46 -16.51 -8.98
C ASP B 159 -10.72 -17.81 -8.80
N LEU B 160 -9.71 -18.00 -9.63
CA LEU B 160 -8.88 -19.17 -9.55
C LEU B 160 -8.38 -19.46 -8.16
N LEU B 161 -7.95 -18.41 -7.48
CA LEU B 161 -7.42 -18.54 -6.12
C LEU B 161 -8.52 -18.91 -5.16
N VAL B 162 -9.69 -18.32 -5.34
CA VAL B 162 -10.77 -18.63 -4.45
C VAL B 162 -11.23 -20.04 -4.60
N ALA B 163 -11.19 -20.52 -5.84
CA ALA B 163 -11.62 -21.87 -6.10
C ALA B 163 -10.62 -22.87 -5.53
N ALA B 164 -9.34 -22.49 -5.51
CA ALA B 164 -8.29 -23.38 -4.99
C ALA B 164 -8.22 -23.40 -3.47
N GLY B 165 -9.17 -22.74 -2.81
CA GLY B 165 -9.20 -22.71 -1.35
C GLY B 165 -8.32 -21.71 -0.61
N ILE B 166 -8.14 -20.51 -1.17
CA ILE B 166 -7.32 -19.53 -0.51
C ILE B 166 -8.17 -18.84 0.55
N LYS B 167 -7.52 -18.30 1.58
CA LYS B 167 -8.29 -17.64 2.62
C LYS B 167 -8.09 -16.14 2.57
N GLY B 168 -6.99 -15.71 1.97
CA GLY B 168 -6.73 -14.29 1.90
C GLY B 168 -5.93 -13.82 0.69
N ILE B 169 -6.37 -12.69 0.16
CA ILE B 169 -5.72 -12.11 -0.98
C ILE B 169 -5.19 -10.71 -0.77
N LEU B 170 -3.88 -10.57 -0.94
CA LEU B 170 -3.20 -9.30 -0.82
C LEU B 170 -3.08 -8.83 -2.26
N ASN B 171 -4.01 -7.96 -2.65
CA ASN B 171 -4.09 -7.46 -4.01
C ASN B 171 -3.20 -6.31 -4.37
N PHE B 172 -2.37 -6.51 -5.37
CA PHE B 172 -1.49 -5.44 -5.80
C PHE B 172 -1.97 -4.80 -7.05
N ALA B 173 -3.01 -5.37 -7.62
CA ALA B 173 -3.60 -4.89 -8.85
C ALA B 173 -4.55 -3.77 -8.55
N PRO B 174 -4.51 -2.70 -9.36
CA PRO B 174 -5.36 -1.52 -9.23
C PRO B 174 -6.77 -1.76 -9.74
N VAL B 175 -7.62 -2.32 -8.89
CA VAL B 175 -9.00 -2.60 -9.25
C VAL B 175 -9.66 -3.31 -8.11
N VAL B 176 -10.95 -3.09 -7.95
CA VAL B 176 -11.67 -3.73 -6.90
C VAL B 176 -11.98 -5.15 -7.30
N LEU B 177 -11.47 -6.09 -6.52
CA LEU B 177 -11.71 -7.49 -6.79
C LEU B 177 -13.05 -7.92 -6.30
N GLU B 178 -13.56 -8.97 -6.92
CA GLU B 178 -14.83 -9.52 -6.52
C GLU B 178 -14.58 -10.93 -6.00
N VAL B 179 -14.88 -11.16 -4.73
CA VAL B 179 -14.67 -12.46 -4.11
C VAL B 179 -15.77 -12.78 -3.14
N PRO B 180 -15.91 -14.05 -2.81
CA PRO B 180 -16.95 -14.41 -1.86
C PRO B 180 -16.58 -13.61 -0.61
N LYS B 181 -17.57 -13.28 0.21
CA LYS B 181 -17.32 -12.51 1.43
C LYS B 181 -16.68 -13.48 2.43
N GLU B 182 -16.28 -14.65 1.94
CA GLU B 182 -15.71 -15.67 2.79
C GLU B 182 -14.23 -15.53 2.71
N VAL B 183 -13.82 -14.74 1.73
CA VAL B 183 -12.41 -14.52 1.52
C VAL B 183 -11.99 -13.08 1.76
N ALA B 184 -11.01 -12.94 2.64
CA ALA B 184 -10.52 -11.63 2.97
C ALA B 184 -9.60 -11.05 1.92
N VAL B 185 -9.72 -9.76 1.68
CA VAL B 185 -8.90 -9.08 0.72
C VAL B 185 -8.40 -7.75 1.23
N GLU B 186 -7.16 -7.44 0.90
CA GLU B 186 -6.53 -6.20 1.32
C GLU B 186 -5.81 -5.67 0.10
N ASN B 187 -5.94 -4.37 -0.12
CA ASN B 187 -5.28 -3.79 -1.26
C ASN B 187 -4.02 -3.06 -0.89
N VAL B 188 -3.03 -3.19 -1.76
CA VAL B 188 -1.80 -2.47 -1.60
C VAL B 188 -1.71 -1.77 -2.95
N ASP B 189 -2.06 -0.50 -2.96
CA ASP B 189 -2.15 0.24 -4.20
C ASP B 189 -1.24 1.44 -4.24
N PHE B 190 -0.10 1.30 -4.90
CA PHE B 190 0.85 2.39 -4.92
C PHE B 190 0.45 3.51 -5.84
N LEU B 191 -0.27 3.20 -6.91
CA LEU B 191 -0.75 4.24 -7.79
C LEU B 191 -1.85 5.05 -7.09
N ALA B 192 -2.64 4.41 -6.25
CA ALA B 192 -3.69 5.17 -5.57
C ALA B 192 -2.99 6.15 -4.65
N GLY B 193 -1.93 5.68 -3.98
CA GLY B 193 -1.16 6.53 -3.08
C GLY B 193 -0.55 7.72 -3.80
N LEU B 194 -0.04 7.48 -5.00
CA LEU B 194 0.52 8.56 -5.81
C LEU B 194 -0.52 9.59 -6.09
N THR B 195 -1.68 9.11 -6.53
CA THR B 195 -2.76 10.01 -6.87
C THR B 195 -3.14 10.77 -5.64
N ARG B 196 -3.22 10.10 -4.51
CA ARG B 196 -3.52 10.82 -3.30
C ARG B 196 -2.48 11.88 -3.00
N LEU B 197 -1.24 11.64 -3.39
CA LEU B 197 -0.25 12.65 -3.10
C LEU B 197 -0.48 13.85 -3.96
N SER B 198 -0.90 13.61 -5.19
CA SER B 198 -1.17 14.69 -6.12
C SER B 198 -2.23 15.62 -5.50
N PHE B 199 -3.32 15.01 -5.06
CA PHE B 199 -4.41 15.74 -4.45
C PHE B 199 -3.95 16.49 -3.20
N ALA B 200 -3.18 15.82 -2.35
CA ALA B 200 -2.69 16.40 -1.12
C ALA B 200 -1.86 17.64 -1.36
N ILE B 201 -1.08 17.60 -2.42
CA ILE B 201 -0.24 18.73 -2.76
C ILE B 201 -1.08 19.90 -3.22
N LEU B 202 -2.05 19.62 -4.07
CA LEU B 202 -2.87 20.66 -4.64
C LEU B 202 -3.79 21.28 -3.65
N ASN B 203 -3.96 20.57 -2.56
CA ASN B 203 -4.89 21.02 -1.60
C ASN B 203 -4.22 21.03 -0.26
N PRO B 204 -3.22 21.91 -0.09
CA PRO B 204 -2.44 22.03 1.13
C PRO B 204 -3.30 22.38 2.34
N LYS B 205 -4.24 23.33 2.19
CA LYS B 205 -5.11 23.76 3.27
C LYS B 205 -5.81 22.55 3.84
N TRP B 206 -6.46 21.82 2.97
CA TRP B 206 -7.13 20.58 3.29
C TRP B 206 -6.26 19.62 4.08
N ARG B 207 -5.13 19.29 3.47
CA ARG B 207 -4.17 18.38 4.06
C ARG B 207 -3.93 18.67 5.55
N1 BRU C 4 -30.08 13.10 -8.84
C2 BRU C 4 -31.01 13.89 -8.22
N3 BRU C 4 -31.94 13.21 -7.48
C4 BRU C 4 -32.03 11.85 -7.29
C5 BRU C 4 -31.02 11.10 -7.97
C6 BRU C 4 -30.09 11.74 -8.71
O2 BRU C 4 -31.02 15.11 -8.32
O4 BRU C 4 -32.92 11.37 -6.57
BR BRU C 4 -31.01 9.19 -7.87
C1' BRU C 4 -29.04 13.78 -9.66
C2' BRU C 4 -27.62 13.56 -9.18
C3' BRU C 4 -26.81 13.61 -10.46
C4' BRU C 4 -27.79 13.15 -11.55
O3' BRU C 4 -26.37 14.93 -10.76
O4' BRU C 4 -29.11 13.23 -10.97
C5' BRU C 4 -27.53 11.75 -12.06
O5' BRU C 4 -27.53 10.83 -10.99
P BRU C 4 -27.82 9.29 -11.31
OP1 BRU C 4 -26.66 8.74 -12.04
OP2 BRU C 4 -28.30 8.63 -10.07
N1 BRU C 6 -27.65 16.55 -1.31
C2 BRU C 6 -28.72 15.84 -0.81
N3 BRU C 6 -28.72 14.50 -1.09
C4 BRU C 6 -27.76 13.80 -1.80
C5 BRU C 6 -26.68 14.62 -2.28
C6 BRU C 6 -26.66 15.93 -2.03
O2 BRU C 6 -29.61 16.36 -0.16
O4 BRU C 6 -27.89 12.59 -1.96
BR BRU C 6 -25.27 13.80 -3.20
C1' BRU C 6 -27.62 17.99 -1.01
C2' BRU C 6 -26.26 18.65 -0.88
C3' BRU C 6 -26.66 20.11 -1.01
C4' BRU C 6 -27.78 20.07 -2.05
O3' BRU C 6 -27.20 20.56 0.22
O4' BRU C 6 -28.26 18.69 -2.07
C5' BRU C 6 -27.35 20.54 -3.41
O5' BRU C 6 -26.03 20.10 -3.67
P BRU C 6 -25.38 20.26 -5.10
OP1 BRU C 6 -25.38 21.69 -5.47
OP2 BRU C 6 -24.11 19.48 -5.10
N1 BRU C 14 -13.06 8.64 19.04
C2 BRU C 14 -14.02 9.20 19.86
N3 BRU C 14 -14.85 8.30 20.48
C4 BRU C 14 -14.81 6.94 20.38
C5 BRU C 14 -13.75 6.43 19.55
C6 BRU C 14 -12.93 7.29 18.92
O2 BRU C 14 -14.12 10.39 20.02
O4 BRU C 14 -15.67 6.27 20.95
BR BRU C 14 -13.46 4.56 19.42
C1' BRU C 14 -12.20 9.55 18.27
C2' BRU C 14 -10.68 9.32 18.35
C3' BRU C 14 -10.19 9.83 17.00
C4' BRU C 14 -11.37 9.57 16.08
O3' BRU C 14 -9.95 11.25 17.00
O4' BRU C 14 -12.53 9.38 16.91
C5' BRU C 14 -11.25 8.45 15.07
O5' BRU C 14 -10.84 7.24 15.70
P BRU C 14 -10.65 5.95 14.78
OP1 BRU C 14 -9.61 6.27 13.78
OP2 BRU C 14 -10.52 4.73 15.65
N1 BRU C 15 -11.97 10.97 22.41
C2 BRU C 15 -13.07 10.60 23.15
N3 BRU C 15 -13.25 9.24 23.30
C4 BRU C 15 -12.44 8.24 22.79
C5 BRU C 15 -11.28 8.72 22.06
C6 BRU C 15 -11.11 10.03 21.90
O2 BRU C 15 -13.82 11.40 23.64
O4 BRU C 15 -12.78 7.05 22.97
BR BRU C 15 -9.98 7.49 21.38
C1' BRU C 15 -11.78 12.41 22.14
C2' BRU C 15 -10.35 12.92 22.34
C3' BRU C 15 -10.23 14.04 21.32
C4' BRU C 15 -11.23 13.68 20.23
O3' BRU C 15 -10.60 15.30 21.87
O4' BRU C 15 -12.05 12.61 20.76
C5' BRU C 15 -10.63 13.29 18.90
O5' BRU C 15 -9.47 12.50 19.10
P BRU C 15 -8.72 11.87 17.84
OP1 BRU C 15 -8.15 12.97 17.04
OP2 BRU C 15 -7.83 10.77 18.34
N1 BRU D 4 -4.33 3.95 32.77
C2 BRU D 4 -5.48 4.12 33.52
N3 BRU D 4 -5.85 5.42 33.73
C4 BRU D 4 -5.22 6.56 33.25
C5 BRU D 4 -4.06 6.30 32.46
C6 BRU D 4 -3.65 5.04 32.25
O2 BRU D 4 -6.11 3.18 33.98
O4 BRU D 4 -5.64 7.67 33.56
BR BRU D 4 -3.14 7.74 31.64
C1' BRU D 4 -3.86 2.58 32.55
C2' BRU D 4 -3.79 2.14 31.10
C3' BRU D 4 -2.71 1.08 31.15
C4' BRU D 4 -1.77 1.58 32.24
O3' BRU D 4 -3.25 -0.18 31.55
O4' BRU D 4 -2.54 2.50 33.04
C5' BRU D 4 -0.51 2.25 31.75
O5' BRU D 4 -0.82 3.39 30.96
P BRU D 4 0.28 4.50 30.72
OP1 BRU D 4 1.33 3.87 29.88
OP2 BRU D 4 -0.35 5.76 30.28
N1 BRU D 6 -12.19 3.72 29.52
C2 BRU D 6 -12.24 5.07 29.80
N3 BRU D 6 -11.21 5.82 29.27
C4 BRU D 6 -10.18 5.36 28.50
C5 BRU D 6 -10.21 3.95 28.23
C6 BRU D 6 -11.19 3.20 28.74
O2 BRU D 6 -13.12 5.58 30.47
O4 BRU D 6 -9.33 6.17 28.11
BR BRU D 6 -8.89 3.18 27.16
C1' BRU D 6 -13.26 2.90 30.08
C2' BRU D 6 -13.66 1.69 29.27
C3' BRU D 6 -14.32 0.85 30.34
C4' BRU D 6 -13.46 1.12 31.58
O3' BRU D 6 -15.64 1.34 30.58
O4' BRU D 6 -12.80 2.38 31.32
C5' BRU D 6 -12.44 0.05 31.84
O5' BRU D 6 -11.82 -0.36 30.62
P BRU D 6 -11.01 -1.73 30.55
OP1 BRU D 6 -11.80 -2.80 31.20
OP2 BRU D 6 -10.53 -1.90 29.15
N1 BRU D 14 -22.25 8.91 5.60
C2 BRU D 14 -23.31 9.38 6.35
N3 BRU D 14 -23.39 10.74 6.45
C4 BRU D 14 -22.56 11.67 5.87
C5 BRU D 14 -21.50 11.11 5.08
C6 BRU D 14 -21.39 9.78 4.98
O2 BRU D 14 -24.12 8.64 6.89
O4 BRU D 14 -22.73 12.87 6.10
BR BRU D 14 -20.29 12.23 4.20
C1' BRU D 14 -22.07 7.46 5.54
C2' BRU D 14 -21.86 6.84 4.16
C3' BRU D 14 -21.09 5.57 4.48
C4' BRU D 14 -20.29 5.95 5.73
O3' BRU D 14 -21.96 4.49 4.85
O4' BRU D 14 -20.89 7.14 6.27
C5' BRU D 14 -18.81 6.14 5.52
O5' BRU D 14 -18.54 7.06 4.47
P BRU D 14 -17.14 7.81 4.42
OP1 BRU D 14 -16.11 6.77 4.23
OP2 BRU D 14 -17.23 8.97 3.49
N1 BRU D 15 -26.33 8.13 4.35
C2 BRU D 15 -26.81 9.34 4.81
N3 BRU D 15 -26.16 10.46 4.33
C4 BRU D 15 -25.10 10.49 3.44
C5 BRU D 15 -24.69 9.19 2.96
C6 BRU D 15 -25.29 8.09 3.43
O2 BRU D 15 -27.75 9.43 5.58
O4 BRU D 15 -24.60 11.58 3.13
BR BRU D 15 -23.30 9.04 1.65
C1' BRU D 15 -26.91 6.89 4.90
C2' BRU D 15 -27.28 5.81 3.91
C3' BRU D 15 -27.12 4.52 4.71
C4' BRU D 15 -26.06 4.88 5.74
O3' BRU D 15 -28.31 4.13 5.38
O4' BRU D 15 -25.94 6.32 5.75
C5' BRU D 15 -24.71 4.23 5.53
O5' BRU D 15 -24.33 4.27 4.17
P BRU D 15 -22.88 3.78 3.74
OP1 BRU D 15 -22.79 2.33 4.01
OP2 BRU D 15 -22.58 4.30 2.37
#